data_3APS
#
_entry.id   3APS
#
_cell.length_a   56.060
_cell.length_b   33.419
_cell.length_c   68.343
_cell.angle_alpha   90.00
_cell.angle_beta   92.85
_cell.angle_gamma   90.00
#
_symmetry.space_group_name_H-M   'P 1 21 1'
#
loop_
_entity.id
_entity.type
_entity.pdbx_description
1 polymer 'DnaJ homolog subfamily C member 10'
2 non-polymer 'SULFATE ION'
3 non-polymer GLYCEROL
4 water water
#
_entity_poly.entity_id   1
_entity_poly.type   'polypeptide(L)'
_entity_poly.pdbx_seq_one_letter_code
;LPQASIDLTPQTFNEKVLQGKTHWVVDFYAPWCGPCQNFAPEFELLARMIKGKVRAGKVDCQAYPQTCQKAGIKAYPSVK
LYQYERAKKSIWEEQINSRDAKTIAALIYGKLETLQSQVKRN
;
_entity_poly.pdbx_strand_id   A,B
#
loop_
_chem_comp.id
_chem_comp.type
_chem_comp.name
_chem_comp.formula
GOL non-polymer GLYCEROL 'C3 H8 O3'
SO4 non-polymer 'SULFATE ION' 'O4 S -2'
#
# COMPACT_ATOMS: atom_id res chain seq x y z
N PRO A 2 -4.75 -5.83 -13.23
CA PRO A 2 -5.19 -4.74 -12.36
C PRO A 2 -4.02 -3.77 -12.05
N GLN A 3 -4.26 -2.46 -12.18
CA GLN A 3 -3.16 -1.47 -12.14
C GLN A 3 -2.49 -1.33 -10.76
N ALA A 4 -1.20 -1.65 -10.71
CA ALA A 4 -0.42 -1.66 -9.48
C ALA A 4 0.13 -0.29 -9.13
N SER A 5 0.28 0.59 -10.11
CA SER A 5 0.72 1.96 -9.84
C SER A 5 -0.48 2.90 -9.67
N ILE A 6 -0.27 4.04 -9.03
CA ILE A 6 -1.33 5.04 -8.94
C ILE A 6 -1.07 6.28 -9.79
N ASP A 7 -2.12 6.84 -10.38
CA ASP A 7 -1.98 8.04 -11.22
C ASP A 7 -1.95 9.27 -10.32
N LEU A 8 -0.80 9.94 -10.26
CA LEU A 8 -0.60 11.08 -9.36
C LEU A 8 -0.95 12.39 -10.03
N THR A 9 -1.36 13.36 -9.21
CA THR A 9 -1.71 14.72 -9.65
C THR A 9 -0.68 15.65 -9.01
N PRO A 10 -0.60 16.92 -9.43
CA PRO A 10 0.37 17.77 -8.70
C PRO A 10 0.18 17.65 -7.19
N GLN A 11 -1.06 17.72 -6.71
CA GLN A 11 -1.34 17.65 -5.27
C GLN A 11 -0.90 16.32 -4.61
N THR A 12 -1.24 15.19 -5.22
CA THR A 12 -0.90 13.91 -4.56
C THR A 12 0.57 13.54 -4.73
N PHE A 13 1.21 14.02 -5.79
CA PHE A 13 2.64 13.82 -5.93
C PHE A 13 3.34 14.59 -4.82
N ASN A 14 2.93 15.84 -4.60
CA ASN A 14 3.55 16.63 -3.53
C ASN A 14 3.26 16.03 -2.18
N GLU A 15 2.01 15.66 -1.95
CA GLU A 15 1.57 15.22 -0.64
C GLU A 15 2.02 13.77 -0.35
N LYS A 16 1.86 12.85 -1.29
CA LYS A 16 2.19 11.46 -1.03
C LYS A 16 3.68 11.11 -1.23
N VAL A 17 4.35 11.77 -2.17
CA VAL A 17 5.73 11.39 -2.51
C VAL A 17 6.67 12.33 -1.77
N LEU A 18 6.62 13.62 -2.10
CA LEU A 18 7.60 14.55 -1.60
C LEU A 18 7.47 14.82 -0.11
N GLN A 19 6.23 14.83 0.39
CA GLN A 19 5.95 15.04 1.82
C GLN A 19 5.63 13.73 2.54
N GLY A 20 5.94 12.62 1.86
CA GLY A 20 5.65 11.26 2.37
C GLY A 20 6.74 10.65 3.24
N LYS A 21 6.43 9.50 3.84
CA LYS A 21 7.36 8.82 4.75
C LYS A 21 7.71 7.44 4.20
N THR A 22 7.64 7.31 2.89
CA THR A 22 7.80 6.03 2.28
C THR A 22 8.53 6.13 0.93
N HIS A 23 8.93 5.00 0.36
CA HIS A 23 9.65 5.02 -0.92
C HIS A 23 8.70 4.94 -2.10
N TRP A 24 9.06 5.59 -3.21
CA TRP A 24 8.22 5.63 -4.41
C TRP A 24 9.11 5.54 -5.61
N VAL A 25 8.66 4.84 -6.62
CA VAL A 25 9.19 5.06 -7.95
C VAL A 25 8.11 5.78 -8.77
N VAL A 26 8.51 6.76 -9.58
CA VAL A 26 7.53 7.55 -10.32
C VAL A 26 7.93 7.52 -11.80
N ASP A 27 6.99 7.24 -12.68
CA ASP A 27 7.20 7.26 -14.14
C ASP A 27 6.61 8.57 -14.64
N PHE A 28 7.46 9.45 -15.16
CA PHE A 28 7.03 10.73 -15.68
C PHE A 28 6.91 10.53 -17.17
N TYR A 29 5.70 10.71 -17.69
CA TYR A 29 5.44 10.26 -19.07
C TYR A 29 4.62 11.28 -19.80
N ALA A 30 4.36 11.02 -21.08
CA ALA A 30 3.34 11.77 -21.81
C ALA A 30 2.50 10.80 -22.67
N PRO A 31 1.22 11.10 -22.89
CA PRO A 31 0.35 10.11 -23.56
C PRO A 31 0.63 9.88 -25.06
N TRP A 32 1.07 10.92 -25.76
CA TRP A 32 1.23 10.88 -27.22
C TRP A 32 2.56 10.26 -27.57
N CYS A 33 3.12 9.47 -26.66
CA CYS A 33 4.53 9.13 -26.69
C CYS A 33 4.74 7.62 -26.88
N GLY A 34 5.25 7.22 -28.05
CA GLY A 34 5.48 5.79 -28.38
C GLY A 34 6.33 5.10 -27.31
N PRO A 35 7.49 5.68 -26.98
CA PRO A 35 8.35 5.13 -25.92
C PRO A 35 7.62 4.95 -24.56
N CYS A 36 6.79 5.93 -24.22
CA CYS A 36 6.09 5.87 -22.94
C CYS A 36 5.11 4.71 -23.00
N GLN A 37 4.45 4.55 -24.14
CA GLN A 37 3.48 3.49 -24.30
C GLN A 37 4.16 2.12 -24.22
N ASN A 38 5.33 1.97 -24.85
CA ASN A 38 6.02 0.68 -24.78
C ASN A 38 6.43 0.38 -23.34
N PHE A 39 6.79 1.42 -22.59
CA PHE A 39 7.30 1.23 -21.23
C PHE A 39 6.20 1.00 -20.21
N ALA A 40 4.99 1.48 -20.49
CA ALA A 40 3.91 1.34 -19.49
C ALA A 40 3.75 -0.07 -18.89
N PRO A 41 3.73 -1.15 -19.72
CA PRO A 41 3.52 -2.43 -19.03
C PRO A 41 4.77 -2.92 -18.29
N GLU A 42 5.98 -2.48 -18.71
CA GLU A 42 7.20 -2.71 -17.92
C GLU A 42 7.10 -2.02 -16.58
N PHE A 43 6.61 -0.77 -16.54
CA PHE A 43 6.52 -0.05 -15.26
C PHE A 43 5.52 -0.75 -14.34
N GLU A 44 4.44 -1.29 -14.92
CA GLU A 44 3.50 -2.07 -14.07
C GLU A 44 4.14 -3.34 -13.49
N LEU A 45 5.03 -3.96 -14.27
CA LEU A 45 5.73 -5.18 -13.83
C LEU A 45 6.62 -4.78 -12.67
N LEU A 46 7.35 -3.67 -12.87
CA LEU A 46 8.23 -3.14 -11.87
C LEU A 46 7.41 -2.89 -10.61
N ALA A 47 6.28 -2.19 -10.74
CA ALA A 47 5.44 -1.92 -9.54
C ALA A 47 5.06 -3.20 -8.81
N ARG A 48 4.71 -4.25 -9.57
CA ARG A 48 4.36 -5.50 -8.95
C ARG A 48 5.57 -6.20 -8.30
N MET A 49 6.76 -6.04 -8.89
CA MET A 49 7.96 -6.68 -8.32
C MET A 49 8.34 -6.17 -6.92
N ILE A 50 8.17 -4.85 -6.74
CA ILE A 50 8.69 -4.16 -5.58
C ILE A 50 7.61 -3.73 -4.59
N LYS A 51 6.36 -4.11 -4.89
CA LYS A 51 5.19 -3.84 -4.03
C LYS A 51 5.54 -4.21 -2.59
N GLY A 52 5.17 -3.36 -1.65
CA GLY A 52 5.41 -3.73 -0.24
C GLY A 52 6.81 -3.34 0.26
N LYS A 53 7.68 -2.92 -0.65
CA LYS A 53 8.87 -2.18 -0.26
C LYS A 53 8.79 -0.74 -0.82
N VAL A 54 8.26 -0.61 -2.04
CA VAL A 54 8.25 0.67 -2.76
C VAL A 54 6.89 0.84 -3.45
N ARG A 55 6.27 2.01 -3.29
CA ARG A 55 5.05 2.33 -4.02
C ARG A 55 5.33 2.84 -5.42
N ALA A 56 4.38 2.75 -6.34
CA ALA A 56 4.64 3.19 -7.71
C ALA A 56 3.60 4.23 -8.12
N GLY A 57 4.06 5.33 -8.73
CA GLY A 57 3.14 6.38 -9.20
C GLY A 57 3.53 6.82 -10.61
N LYS A 58 2.62 7.49 -11.28
CA LYS A 58 2.82 7.95 -12.68
C LYS A 58 2.37 9.40 -12.75
N VAL A 59 3.08 10.22 -13.52
CA VAL A 59 2.74 11.63 -13.60
C VAL A 59 2.68 11.95 -15.08
N ASP A 60 1.50 12.36 -15.54
CA ASP A 60 1.30 12.75 -16.93
C ASP A 60 1.86 14.17 -17.10
N CYS A 61 3.03 14.24 -17.73
CA CYS A 61 3.70 15.55 -17.92
C CYS A 61 3.03 16.47 -18.92
N GLN A 62 2.21 15.95 -19.84
CA GLN A 62 1.39 16.83 -20.69
C GLN A 62 0.33 17.53 -19.82
N ALA A 63 -0.32 16.78 -18.93
CA ALA A 63 -1.38 17.38 -18.09
C ALA A 63 -0.80 18.34 -17.07
N TYR A 64 0.37 17.99 -16.53
CA TYR A 64 1.03 18.68 -15.40
C TYR A 64 2.45 19.07 -15.75
N PRO A 65 2.59 20.06 -16.64
CA PRO A 65 3.93 20.43 -17.14
C PRO A 65 4.90 21.06 -16.10
N GLN A 66 4.37 21.85 -15.17
CA GLN A 66 5.21 22.51 -14.19
C GLN A 66 5.74 21.50 -13.18
N THR A 67 4.94 20.51 -12.82
CA THR A 67 5.38 19.48 -11.89
C THR A 67 6.57 18.74 -12.49
N CYS A 68 6.45 18.37 -13.76
CA CYS A 68 7.51 17.60 -14.42
C CYS A 68 8.75 18.47 -14.61
N GLN A 69 8.56 19.74 -14.96
CA GLN A 69 9.66 20.71 -15.10
C GLN A 69 10.42 20.86 -13.78
N LYS A 70 9.67 20.92 -12.68
CA LYS A 70 10.26 21.11 -11.32
C LYS A 70 11.01 19.88 -10.87
N ALA A 71 10.58 18.71 -11.35
CA ALA A 71 11.26 17.43 -11.07
C ALA A 71 12.43 17.15 -11.99
N GLY A 72 12.76 18.10 -12.86
CA GLY A 72 13.95 17.98 -13.69
C GLY A 72 13.78 17.07 -14.89
N ILE A 73 12.54 16.86 -15.30
CA ILE A 73 12.23 15.95 -16.41
C ILE A 73 12.31 16.64 -17.76
N LYS A 74 13.19 16.13 -18.62
CA LYS A 74 13.37 16.73 -19.94
C LYS A 74 13.04 15.81 -21.12
N ALA A 75 12.86 14.52 -20.83
CA ALA A 75 12.41 13.53 -21.84
C ALA A 75 11.57 12.39 -21.22
N TYR A 76 10.79 11.71 -22.06
CA TYR A 76 9.81 10.75 -21.59
C TYR A 76 10.02 9.41 -22.27
N PRO A 77 9.81 8.30 -21.54
CA PRO A 77 9.54 8.33 -20.09
C PRO A 77 10.80 8.58 -19.23
N SER A 78 10.61 9.12 -18.03
CA SER A 78 11.70 9.19 -17.00
C SER A 78 11.24 8.53 -15.69
N VAL A 79 12.09 7.71 -15.12
CA VAL A 79 11.77 7.04 -13.84
C VAL A 79 12.66 7.72 -12.77
N LYS A 80 12.05 8.13 -11.67
CA LYS A 80 12.79 8.55 -10.50
C LYS A 80 12.36 7.77 -9.27
N LEU A 81 13.36 7.44 -8.45
CA LEU A 81 13.23 6.86 -7.15
C LEU A 81 13.25 7.93 -6.09
N TYR A 82 12.30 7.91 -5.18
CA TYR A 82 12.22 8.87 -4.13
C TYR A 82 12.28 7.97 -2.92
N GLN A 83 13.37 8.03 -2.19
CA GLN A 83 13.49 7.17 -1.06
C GLN A 83 13.50 7.95 0.26
N TYR A 84 12.86 7.39 1.29
CA TYR A 84 12.72 8.07 2.56
C TYR A 84 13.86 7.65 3.46
N GLU A 85 14.58 8.64 3.96
CA GLU A 85 15.59 8.35 4.98
C GLU A 85 15.01 8.77 6.34
N ARG A 86 14.67 7.76 7.15
CA ARG A 86 13.99 7.98 8.42
C ARG A 86 14.77 8.91 9.36
N ALA A 87 16.03 8.59 9.60
CA ALA A 87 16.81 9.33 10.61
C ALA A 87 16.91 10.84 10.32
N LYS A 88 16.81 11.21 9.06
CA LYS A 88 16.93 12.59 8.62
C LYS A 88 15.56 13.17 8.24
N LYS A 89 14.52 12.35 8.34
CA LYS A 89 13.16 12.72 7.93
C LYS A 89 13.14 13.41 6.56
N SER A 90 13.80 12.79 5.58
CA SER A 90 13.82 13.39 4.22
C SER A 90 13.81 12.41 3.06
N ILE A 91 13.38 12.94 1.93
CA ILE A 91 13.15 12.17 0.72
C ILE A 91 14.31 12.49 -0.20
N TRP A 92 15.03 11.47 -0.64
CA TRP A 92 16.14 11.60 -1.56
C TRP A 92 15.76 11.06 -2.92
N GLU A 93 16.12 11.78 -3.99
CA GLU A 93 15.61 11.37 -5.28
C GLU A 93 16.76 11.02 -6.17
N GLU A 94 16.52 10.14 -7.14
CA GLU A 94 17.53 9.78 -8.12
C GLU A 94 16.85 9.29 -9.40
N GLN A 95 17.30 9.78 -10.57
CA GLN A 95 16.75 9.34 -11.84
C GLN A 95 17.44 8.02 -12.18
N ILE A 96 16.67 7.03 -12.59
CA ILE A 96 17.21 5.71 -12.90
C ILE A 96 17.10 5.53 -14.39
N ASN A 97 18.24 5.43 -15.07
CA ASN A 97 18.21 5.44 -16.53
C ASN A 97 18.12 4.00 -17.05
N SER A 98 16.95 3.37 -16.85
CA SER A 98 16.70 2.04 -17.42
C SER A 98 15.25 1.95 -17.84
N ARG A 99 14.97 1.15 -18.88
CA ARG A 99 13.59 0.86 -19.35
C ARG A 99 13.19 -0.58 -19.03
N ASP A 100 14.00 -1.26 -18.19
CA ASP A 100 13.81 -2.67 -17.92
C ASP A 100 13.47 -2.91 -16.44
N ALA A 101 12.31 -3.52 -16.18
CA ALA A 101 11.82 -3.67 -14.79
C ALA A 101 12.82 -4.39 -13.91
N LYS A 102 13.38 -5.49 -14.42
CA LYS A 102 14.27 -6.30 -13.61
C LYS A 102 15.50 -5.46 -13.25
N THR A 103 15.98 -4.69 -14.22
CA THR A 103 17.16 -3.85 -14.04
C THR A 103 16.86 -2.78 -12.99
N ILE A 104 15.74 -2.10 -13.17
CA ILE A 104 15.37 -1.00 -12.28
C ILE A 104 15.16 -1.54 -10.87
N ALA A 105 14.49 -2.71 -10.74
CA ALA A 105 14.27 -3.26 -9.39
C ALA A 105 15.63 -3.51 -8.69
N ALA A 106 16.59 -4.09 -9.40
CA ALA A 106 17.90 -4.40 -8.79
C ALA A 106 18.56 -3.12 -8.33
N LEU A 107 18.47 -2.07 -9.16
CA LEU A 107 19.10 -0.79 -8.83
C LEU A 107 18.45 -0.13 -7.59
N ILE A 108 17.12 -0.13 -7.56
CA ILE A 108 16.32 0.34 -6.40
C ILE A 108 16.72 -0.37 -5.12
N TYR A 109 16.75 -1.70 -5.14
CA TYR A 109 17.07 -2.50 -3.97
C TYR A 109 18.46 -2.16 -3.46
N GLY A 110 19.41 -1.92 -4.36
CA GLY A 110 20.79 -1.56 -3.93
C GLY A 110 20.80 -0.22 -3.21
N LYS A 111 20.11 0.75 -3.80
CA LYS A 111 20.01 2.09 -3.25
C LYS A 111 19.32 2.09 -1.89
N LEU A 112 18.33 1.22 -1.72
CA LEU A 112 17.66 1.07 -0.41
C LEU A 112 18.58 0.46 0.68
N GLU A 113 19.58 -0.32 0.29
CA GLU A 113 20.47 -0.97 1.24
C GLU A 113 21.52 0.00 1.78
N THR A 114 21.78 1.08 1.05
CA THR A 114 22.93 1.94 1.31
C THR A 114 22.62 3.31 1.92
N LEU A 115 23.09 3.50 3.15
CA LEU A 115 22.85 4.72 3.98
C LEU A 115 22.10 5.88 3.29
N PRO B 2 -11.72 10.48 3.36
CA PRO B 2 -11.80 9.42 2.34
C PRO B 2 -11.78 8.02 2.97
N GLN B 3 -11.63 6.97 2.17
CA GLN B 3 -11.56 5.62 2.73
C GLN B 3 -10.15 5.02 2.74
N ALA B 4 -9.68 4.62 3.92
CA ALA B 4 -8.34 4.03 4.08
C ALA B 4 -8.31 2.49 4.03
N SER B 5 -9.45 1.84 4.27
CA SER B 5 -9.48 0.37 4.39
C SER B 5 -10.17 -0.31 3.21
N ILE B 6 -9.43 -1.16 2.49
CA ILE B 6 -9.92 -1.75 1.25
C ILE B 6 -10.99 -2.85 1.43
N ASP B 7 -12.07 -2.76 0.67
CA ASP B 7 -13.17 -3.71 0.83
C ASP B 7 -12.97 -5.04 0.13
N LEU B 8 -12.83 -6.08 0.95
CA LEU B 8 -12.42 -7.41 0.51
C LEU B 8 -13.60 -8.34 0.18
N THR B 9 -13.37 -9.28 -0.74
CA THR B 9 -14.35 -10.31 -1.10
C THR B 9 -13.79 -11.66 -0.58
N PRO B 10 -14.60 -12.75 -0.62
CA PRO B 10 -13.96 -14.00 -0.19
C PRO B 10 -12.69 -14.25 -0.99
N GLN B 11 -12.72 -13.79 -2.23
CA GLN B 11 -11.65 -14.08 -3.17
C GLN B 11 -10.42 -13.28 -2.85
N THR B 12 -10.54 -11.95 -2.79
CA THR B 12 -9.41 -11.09 -2.39
C THR B 12 -9.01 -11.22 -0.91
N PHE B 13 -9.92 -11.66 -0.04
CA PHE B 13 -9.57 -11.97 1.35
C PHE B 13 -8.62 -13.15 1.35
N ASN B 14 -9.01 -14.23 0.67
CA ASN B 14 -8.13 -15.37 0.52
C ASN B 14 -6.85 -15.05 -0.25
N GLU B 15 -7.00 -14.36 -1.40
CA GLU B 15 -5.84 -13.97 -2.23
C GLU B 15 -4.85 -12.98 -1.57
N LYS B 16 -5.35 -11.86 -1.04
CA LYS B 16 -4.47 -10.81 -0.53
C LYS B 16 -4.12 -10.96 0.96
N VAL B 17 -5.05 -11.48 1.75
CA VAL B 17 -4.76 -11.60 3.18
C VAL B 17 -4.11 -12.95 3.50
N LEU B 18 -4.86 -14.05 3.34
CA LEU B 18 -4.38 -15.36 3.74
C LEU B 18 -3.21 -15.87 2.87
N GLN B 19 -3.25 -15.56 1.57
CA GLN B 19 -2.22 -15.98 0.60
C GLN B 19 -1.08 -14.95 0.48
N GLY B 20 -1.14 -13.90 1.29
CA GLY B 20 -0.30 -12.72 1.07
C GLY B 20 1.02 -12.68 1.81
N LYS B 21 1.79 -11.62 1.56
CA LYS B 21 3.12 -11.50 2.16
C LYS B 21 3.23 -10.27 3.06
N THR B 22 2.08 -9.75 3.48
CA THR B 22 2.01 -8.55 4.32
C THR B 22 1.10 -8.73 5.56
N HIS B 23 1.16 -7.78 6.49
CA HIS B 23 0.27 -7.76 7.66
C HIS B 23 -1.01 -7.00 7.36
N TRP B 24 -2.14 -7.50 7.86
CA TRP B 24 -3.46 -6.89 7.67
C TRP B 24 -4.20 -6.88 8.96
N VAL B 25 -4.98 -5.82 9.16
CA VAL B 25 -6.02 -5.85 10.18
C VAL B 25 -7.34 -5.90 9.44
N VAL B 26 -8.31 -6.72 9.90
CA VAL B 26 -9.57 -6.94 9.14
C VAL B 26 -10.73 -6.76 10.09
N ASP B 27 -11.69 -5.93 9.69
CA ASP B 27 -12.94 -5.68 10.40
C ASP B 27 -14.02 -6.54 9.75
N PHE B 28 -14.48 -7.57 10.47
CA PHE B 28 -15.56 -8.41 9.97
C PHE B 28 -16.83 -7.80 10.53
N TYR B 29 -17.69 -7.33 9.65
CA TYR B 29 -18.84 -6.51 10.02
C TYR B 29 -20.08 -7.00 9.25
N ALA B 30 -21.23 -6.39 9.53
CA ALA B 30 -22.42 -6.55 8.69
C ALA B 30 -23.12 -5.22 8.46
N PRO B 31 -23.78 -5.07 7.28
CA PRO B 31 -24.41 -3.87 6.73
C PRO B 31 -25.34 -3.10 7.66
N TRP B 32 -26.16 -3.77 8.46
CA TRP B 32 -27.16 -3.00 9.21
C TRP B 32 -27.04 -3.20 10.70
N CYS B 33 -25.79 -3.11 11.12
CA CYS B 33 -25.37 -3.48 12.42
C CYS B 33 -24.94 -2.20 13.13
N GLY B 34 -25.64 -1.85 14.20
CA GLY B 34 -25.38 -0.62 14.98
C GLY B 34 -24.00 -0.52 15.62
N PRO B 35 -23.58 -1.59 16.33
CA PRO B 35 -22.21 -1.66 16.82
C PRO B 35 -21.22 -1.40 15.70
N CYS B 36 -21.52 -1.91 14.50
CA CYS B 36 -20.59 -1.88 13.38
C CYS B 36 -20.42 -0.48 12.76
N GLN B 37 -21.53 0.20 12.48
CA GLN B 37 -21.49 1.58 11.95
C GLN B 37 -20.78 2.54 12.94
N ASN B 38 -20.96 2.29 14.23
CA ASN B 38 -20.33 3.03 15.31
C ASN B 38 -18.79 2.92 15.26
N PHE B 39 -18.32 1.72 14.91
CA PHE B 39 -16.89 1.40 14.87
C PHE B 39 -16.21 1.73 13.54
N ALA B 40 -17.01 1.86 12.47
CA ALA B 40 -16.49 2.17 11.13
C ALA B 40 -15.49 3.35 11.05
N PRO B 41 -15.82 4.53 11.62
CA PRO B 41 -14.86 5.65 11.52
C PRO B 41 -13.63 5.38 12.38
N GLU B 42 -13.83 4.73 13.53
CA GLU B 42 -12.74 4.28 14.41
C GLU B 42 -11.80 3.29 13.71
N PHE B 43 -12.34 2.29 12.98
CA PHE B 43 -11.52 1.42 12.11
C PHE B 43 -10.77 2.21 11.03
N GLU B 44 -11.37 3.22 10.41
CA GLU B 44 -10.63 4.01 9.39
C GLU B 44 -9.51 4.82 10.03
N LEU B 45 -9.76 5.30 11.25
CA LEU B 45 -8.70 6.02 11.98
C LEU B 45 -7.55 5.06 12.26
N LEU B 46 -7.90 3.88 12.78
CA LEU B 46 -6.92 2.82 12.95
C LEU B 46 -6.13 2.58 11.64
N ALA B 47 -6.82 2.39 10.52
CA ALA B 47 -6.14 2.14 9.23
C ALA B 47 -5.09 3.25 8.93
N ARG B 48 -5.47 4.50 9.13
CA ARG B 48 -4.57 5.62 8.84
C ARG B 48 -3.36 5.66 9.75
N MET B 49 -3.57 5.35 11.02
CA MET B 49 -2.51 5.26 12.03
C MET B 49 -1.41 4.29 11.64
N ILE B 50 -1.81 3.13 11.15
CA ILE B 50 -0.87 2.05 10.97
C ILE B 50 -0.45 1.85 9.50
N LYS B 51 -0.89 2.75 8.63
CA LYS B 51 -0.68 2.60 7.16
C LYS B 51 0.81 2.58 6.89
N GLY B 52 1.26 1.66 6.05
CA GLY B 52 2.68 1.59 5.74
C GLY B 52 3.44 0.60 6.61
N LYS B 53 2.77 0.08 7.64
CA LYS B 53 3.23 -1.09 8.33
C LYS B 53 2.22 -2.26 8.20
N VAL B 54 0.93 -1.93 8.24
CA VAL B 54 -0.16 -2.93 8.21
C VAL B 54 -1.22 -2.37 7.31
N ARG B 55 -1.70 -3.20 6.39
CA ARG B 55 -2.81 -2.85 5.54
C ARG B 55 -4.11 -3.14 6.24
N ALA B 56 -5.18 -2.51 5.79
CA ALA B 56 -6.44 -2.70 6.50
C ALA B 56 -7.52 -3.15 5.56
N GLY B 57 -8.34 -4.09 5.99
CA GLY B 57 -9.40 -4.61 5.14
C GLY B 57 -10.70 -4.77 5.89
N LYS B 58 -11.77 -5.02 5.16
CA LYS B 58 -13.11 -5.17 5.73
C LYS B 58 -13.84 -6.33 5.04
N VAL B 59 -14.55 -7.15 5.81
CA VAL B 59 -15.34 -8.25 5.25
C VAL B 59 -16.81 -8.15 5.69
N ASP B 60 -17.70 -8.04 4.71
CA ASP B 60 -19.14 -7.95 4.95
C ASP B 60 -19.65 -9.37 5.20
N CYS B 61 -19.93 -9.66 6.47
CA CYS B 61 -20.36 -11.01 6.86
C CYS B 61 -21.77 -11.37 6.46
N GLN B 62 -22.56 -10.36 6.06
CA GLN B 62 -23.89 -10.61 5.50
C GLN B 62 -23.74 -11.08 4.07
N ALA B 63 -22.94 -10.35 3.28
CA ALA B 63 -22.62 -10.81 1.92
C ALA B 63 -21.82 -12.12 1.89
N TYR B 64 -20.95 -12.35 2.88
CA TYR B 64 -20.11 -13.54 2.84
C TYR B 64 -20.11 -14.31 4.17
N PRO B 65 -21.24 -14.97 4.48
CA PRO B 65 -21.33 -15.57 5.81
C PRO B 65 -20.40 -16.76 5.99
N GLN B 66 -20.08 -17.39 4.87
CA GLN B 66 -19.13 -18.50 4.75
C GLN B 66 -17.72 -18.09 5.17
N THR B 67 -17.26 -16.93 4.68
CA THR B 67 -15.90 -16.53 4.92
C THR B 67 -15.78 -16.15 6.39
N CYS B 68 -16.84 -15.56 6.93
CA CYS B 68 -16.82 -15.04 8.30
C CYS B 68 -16.93 -16.21 9.27
N GLN B 69 -17.76 -17.19 8.91
CA GLN B 69 -17.89 -18.36 9.73
C GLN B 69 -16.56 -19.11 9.83
N LYS B 70 -15.88 -19.29 8.68
CA LYS B 70 -14.58 -19.96 8.63
C LYS B 70 -13.51 -19.21 9.41
N ALA B 71 -13.63 -17.88 9.50
CA ALA B 71 -12.66 -17.02 10.18
C ALA B 71 -12.99 -16.93 11.65
N GLY B 72 -13.97 -17.70 12.08
CA GLY B 72 -14.29 -17.85 13.49
C GLY B 72 -15.05 -16.69 14.12
N ILE B 73 -15.80 -15.97 13.28
CA ILE B 73 -16.46 -14.72 13.68
C ILE B 73 -17.83 -15.04 14.23
N LYS B 74 -18.02 -14.70 15.51
CA LYS B 74 -19.29 -14.96 16.23
C LYS B 74 -20.21 -13.72 16.35
N ALA B 75 -19.63 -12.53 16.27
CA ALA B 75 -20.38 -11.30 16.52
C ALA B 75 -19.71 -10.13 15.79
N TYR B 76 -20.44 -9.06 15.57
CA TYR B 76 -19.95 -8.00 14.69
C TYR B 76 -20.03 -6.71 15.45
N PRO B 77 -19.01 -5.86 15.30
CA PRO B 77 -17.85 -6.08 14.47
C PRO B 77 -16.83 -6.94 15.23
N SER B 78 -15.99 -7.66 14.51
CA SER B 78 -14.82 -8.27 15.14
C SER B 78 -13.59 -7.86 14.33
N VAL B 79 -12.47 -7.68 15.01
CA VAL B 79 -11.22 -7.30 14.35
C VAL B 79 -10.22 -8.46 14.52
N LYS B 80 -9.53 -8.81 13.43
CA LYS B 80 -8.44 -9.78 13.57
C LYS B 80 -7.21 -9.28 12.89
N LEU B 81 -6.07 -9.64 13.45
CA LEU B 81 -4.82 -9.30 12.85
C LEU B 81 -4.26 -10.53 12.13
N TYR B 82 -3.76 -10.31 10.91
CA TYR B 82 -3.08 -11.31 10.14
C TYR B 82 -1.69 -10.78 9.93
N GLN B 83 -0.72 -11.48 10.49
CA GLN B 83 0.65 -11.11 10.33
C GLN B 83 1.45 -12.15 9.61
N TYR B 84 2.27 -11.64 8.72
CA TYR B 84 3.10 -12.47 7.89
C TYR B 84 4.41 -12.77 8.61
N GLU B 85 4.71 -14.06 8.77
CA GLU B 85 6.02 -14.43 9.26
C GLU B 85 6.84 -15.00 8.10
N ARG B 86 7.85 -14.22 7.72
CA ARG B 86 8.62 -14.42 6.51
C ARG B 86 9.40 -15.75 6.53
N ALA B 87 10.13 -16.00 7.61
CA ALA B 87 10.94 -17.20 7.75
C ALA B 87 10.11 -18.47 7.55
N LYS B 88 9.00 -18.54 8.26
CA LYS B 88 8.07 -19.66 8.15
C LYS B 88 7.11 -19.59 6.94
N LYS B 89 7.17 -18.49 6.19
CA LYS B 89 6.32 -18.24 5.01
C LYS B 89 4.80 -18.39 5.28
N SER B 90 4.31 -17.79 6.35
CA SER B 90 2.92 -18.06 6.73
C SER B 90 2.25 -16.88 7.41
N ILE B 91 0.94 -16.94 7.48
CA ILE B 91 0.13 -15.90 8.05
C ILE B 91 -0.41 -16.43 9.37
N TRP B 92 -0.29 -15.63 10.42
CA TRP B 92 -0.70 -16.01 11.75
C TRP B 92 -1.85 -15.07 12.15
N GLU B 93 -2.92 -15.61 12.71
CA GLU B 93 -4.05 -14.74 13.01
C GLU B 93 -4.34 -14.62 14.49
N GLU B 94 -4.90 -13.45 14.87
CA GLU B 94 -5.26 -13.18 16.26
C GLU B 94 -6.41 -12.20 16.34
N GLN B 95 -7.42 -12.59 17.13
CA GLN B 95 -8.57 -11.76 17.45
C GLN B 95 -8.07 -10.60 18.31
N ILE B 96 -8.55 -9.39 18.05
CA ILE B 96 -8.11 -8.26 18.86
C ILE B 96 -9.32 -7.70 19.54
N ASN B 97 -9.34 -7.81 20.87
CA ASN B 97 -10.52 -7.55 21.62
C ASN B 97 -10.56 -6.08 22.10
N SER B 98 -10.60 -5.15 21.15
CA SER B 98 -10.73 -3.74 21.51
C SER B 98 -11.50 -3.01 20.40
N ARG B 99 -12.23 -1.94 20.77
CA ARG B 99 -12.93 -1.07 19.81
C ARG B 99 -12.26 0.31 19.75
N ASP B 100 -11.05 0.45 20.30
CA ASP B 100 -10.43 1.75 20.40
C ASP B 100 -9.18 1.75 19.51
N ALA B 101 -9.14 2.65 18.54
CA ALA B 101 -8.05 2.70 17.56
C ALA B 101 -6.65 2.72 18.19
N LYS B 102 -6.44 3.60 19.18
CA LYS B 102 -5.10 3.70 19.78
C LYS B 102 -4.71 2.43 20.48
N THR B 103 -5.69 1.79 21.09
CA THR B 103 -5.45 0.57 21.83
C THR B 103 -5.06 -0.55 20.84
N ILE B 104 -5.85 -0.66 19.77
CA ILE B 104 -5.64 -1.73 18.77
C ILE B 104 -4.28 -1.50 18.09
N ALA B 105 -3.98 -0.26 17.70
CA ALA B 105 -2.62 0.04 17.17
C ALA B 105 -1.50 -0.46 18.08
N ALA B 106 -1.53 -0.11 19.38
CA ALA B 106 -0.46 -0.55 20.29
C ALA B 106 -0.36 -2.08 20.39
N LEU B 107 -1.51 -2.75 20.47
CA LEU B 107 -1.55 -4.22 20.47
C LEU B 107 -0.95 -4.79 19.17
N ILE B 108 -1.30 -4.24 18.01
CA ILE B 108 -0.71 -4.68 16.72
C ILE B 108 0.81 -4.52 16.70
N TYR B 109 1.30 -3.35 17.11
CA TYR B 109 2.75 -3.10 17.14
C TYR B 109 3.49 -4.08 18.07
N GLY B 110 2.92 -4.34 19.25
CA GLY B 110 3.41 -5.40 20.15
C GLY B 110 3.53 -6.78 19.49
N LYS B 111 2.48 -7.20 18.78
CA LYS B 111 2.48 -8.51 18.08
C LYS B 111 3.47 -8.62 16.93
N LEU B 112 3.72 -7.50 16.27
CA LEU B 112 4.68 -7.46 15.17
C LEU B 112 6.14 -7.48 15.65
N GLU B 113 6.34 -7.04 16.89
CA GLU B 113 7.69 -6.93 17.46
C GLU B 113 8.27 -8.24 17.97
N THR B 114 7.47 -9.02 18.69
CA THR B 114 7.89 -10.38 19.08
C THR B 114 8.05 -11.17 17.80
N LEU B 115 9.30 -11.25 17.33
CA LEU B 115 9.60 -11.80 16.00
C LEU B 115 11.06 -12.28 15.89
S SO4 C . 1.16 21.81 -13.22
O1 SO4 C . -0.19 21.29 -13.33
O2 SO4 C . 1.22 22.74 -12.09
O3 SO4 C . 2.05 20.65 -12.98
O4 SO4 C . 1.59 22.48 -14.44
C1 GOL D . 10.74 11.95 -26.91
O1 GOL D . 11.68 10.90 -26.79
C2 GOL D . 11.18 13.11 -26.02
O2 GOL D . 10.67 12.97 -24.71
C3 GOL D . 10.89 14.48 -26.66
O3 GOL D . 10.64 15.52 -25.73
#